data_5QHJ
#
_entry.id   5QHJ
#
_cell.length_a   37.630
_cell.length_b   74.270
_cell.length_c   63.490
_cell.angle_alpha   90.000
_cell.angle_beta   96.450
_cell.angle_gamma   90.000
#
_symmetry.space_group_name_H-M   'P 1 21 1'
#
loop_
_entity.id
_entity.type
_entity.pdbx_description
1 polymer 'Protein FAM83B'
2 non-polymer 'IODIDE ION'
3 non-polymer 1,2-ETHANEDIOL
4 non-polymer (2S)-1-{[(2H-1,3-benzodioxol-5-yl)methyl]amino}propan-2-ol
5 water water
#
_entity_poly.entity_id   1
_entity_poly.type   'polypeptide(L)'
_entity_poly.pdbx_seq_one_letter_code
;SMGGTHIDLLFHPPRAHLLTIKETIRKMIKEARKVIALVMDIFTDVDIFKEIVEASTRGVSVYILLDESNFNHFLNMTEK
QGCSVQRLRNIRVRTVKGQDYLSKTGAKFHGKMEQKFLLVDCQKVMYGSYSYMWSFEKAHLSMVQIITGQLVESFDEEFR
TLYARSCVPSSFAQEESARV
;
_entity_poly.pdbx_strand_id   A,B
#
# COMPACT_ATOMS: atom_id res chain seq x y z
N GLY A 4 -1.47 13.27 20.01
CA GLY A 4 -2.79 13.80 19.59
C GLY A 4 -3.09 13.41 18.13
N THR A 5 -3.02 12.13 17.79
CA THR A 5 -3.44 11.62 16.44
C THR A 5 -4.57 10.56 16.64
N HIS A 6 -5.71 10.71 15.95
CA HIS A 6 -6.74 9.67 15.92
C HIS A 6 -6.75 8.93 14.57
N ILE A 7 -6.82 7.60 14.61
CA ILE A 7 -6.86 6.78 13.40
C ILE A 7 -8.02 5.75 13.48
N ASP A 8 -8.82 5.68 12.42
CA ASP A 8 -9.86 4.64 12.24
C ASP A 8 -9.47 3.78 11.05
N LEU A 9 -9.92 2.53 11.05
CA LEU A 9 -9.70 1.62 9.85
C LEU A 9 -10.96 1.40 9.05
N LEU A 10 -10.85 1.37 7.70
CA LEU A 10 -11.93 0.95 6.83
C LEU A 10 -11.41 -0.16 5.87
N PHE A 11 -12.28 -1.12 5.58
CA PHE A 11 -11.99 -2.23 4.61
C PHE A 11 -12.83 -2.25 3.33
N HIS A 12 -12.32 -2.90 2.24
CA HIS A 12 -13.15 -3.27 1.08
C HIS A 12 -12.89 -4.76 0.73
N PRO A 13 -13.96 -5.60 0.69
CA PRO A 13 -15.35 -5.29 0.98
C PRO A 13 -15.50 -4.78 2.43
N PRO A 14 -16.53 -3.99 2.67
CA PRO A 14 -16.74 -3.42 4.00
C PRO A 14 -17.02 -4.45 5.13
N ARG A 15 -16.63 -4.09 6.35
CA ARG A 15 -16.78 -4.94 7.53
C ARG A 15 -17.91 -4.30 8.36
N ALA A 16 -17.69 -3.84 9.59
CA ALA A 16 -18.90 -3.34 10.34
C ALA A 16 -19.35 -1.87 10.08
N HIS A 17 -18.56 -1.13 9.33
CA HIS A 17 -18.78 0.29 9.09
C HIS A 17 -19.85 0.52 8.00
N LEU A 18 -20.54 1.65 8.10
CA LEU A 18 -21.71 1.99 7.22
C LEU A 18 -21.34 2.21 5.75
N LEU A 19 -20.29 3.02 5.53
CA LEU A 19 -19.90 3.47 4.17
C LEU A 19 -18.77 2.60 3.58
N THR A 20 -18.75 2.51 2.22
CA THR A 20 -17.64 1.89 1.60
C THR A 20 -16.41 2.89 1.57
N ILE A 21 -15.24 2.35 1.28
CA ILE A 21 -14.02 3.22 1.02
C ILE A 21 -14.34 4.25 -0.07
N LYS A 22 -14.91 3.80 -1.22
CA LYS A 22 -15.25 4.78 -2.33
C LYS A 22 -16.25 5.84 -1.90
N GLU A 23 -17.29 5.42 -1.15
CA GLU A 23 -18.25 6.45 -0.60
C GLU A 23 -17.54 7.45 0.35
N THR A 24 -16.58 6.95 1.16
CA THR A 24 -15.87 7.87 2.09
C THR A 24 -14.90 8.85 1.33
N ILE A 25 -14.26 8.40 0.23
CA ILE A 25 -13.43 9.26 -0.68
C ILE A 25 -14.33 10.39 -1.22
N ARG A 26 -15.52 10.02 -1.75
CA ARG A 26 -16.45 11.00 -2.29
C ARG A 26 -16.82 12.04 -1.18
N LYS A 27 -17.12 11.54 0.02
CA LYS A 27 -17.45 12.41 1.14
C LYS A 27 -16.32 13.43 1.47
N MET A 28 -15.10 12.90 1.58
CA MET A 28 -13.91 13.72 1.80
C MET A 28 -13.71 14.84 0.76
N ILE A 29 -13.95 14.57 -0.50
CA ILE A 29 -13.86 15.54 -1.56
C ILE A 29 -14.95 16.59 -1.49
N LYS A 30 -16.21 16.17 -1.27
CA LYS A 30 -17.34 17.13 -1.17
C LYS A 30 -17.19 18.05 0.03
N GLU A 31 -16.53 17.62 1.09
CA GLU A 31 -16.38 18.44 2.31
C GLU A 31 -15.17 19.44 2.19
N ALA A 32 -14.36 19.36 1.12
CA ALA A 32 -13.19 20.26 0.89
C ALA A 32 -13.61 21.75 0.72
N ARG A 33 -13.01 22.61 1.52
CA ARG A 33 -13.28 24.07 1.49
C ARG A 33 -12.18 24.91 0.76
N LYS A 34 -10.93 24.48 0.79
CA LYS A 34 -9.77 25.26 0.24
C LYS A 34 -8.84 24.51 -0.69
N VAL A 35 -8.41 23.29 -0.28
CA VAL A 35 -7.35 22.59 -1.01
C VAL A 35 -7.52 21.06 -0.91
N ILE A 36 -7.28 20.40 -2.06
CA ILE A 36 -7.16 18.97 -2.12
C ILE A 36 -5.76 18.63 -2.65
N ALA A 37 -5.11 17.66 -1.99
CA ALA A 37 -3.80 17.13 -2.37
C ALA A 37 -3.86 15.57 -2.51
N LEU A 38 -3.62 15.04 -3.71
CA LEU A 38 -3.81 13.58 -3.97
C LEU A 38 -2.53 13.02 -4.53
N VAL A 39 -2.05 11.90 -3.98
CA VAL A 39 -0.93 11.13 -4.55
C VAL A 39 -1.49 9.76 -4.94
N MET A 40 -1.28 9.29 -6.19
CA MET A 40 -1.96 8.06 -6.59
C MET A 40 -1.22 7.33 -7.69
N ASP A 41 -1.26 5.99 -7.63
CA ASP A 41 -0.51 5.24 -8.63
C ASP A 41 -1.20 5.00 -9.94
N ILE A 42 -2.50 4.67 -9.92
CA ILE A 42 -3.36 4.54 -11.10
C ILE A 42 -4.71 5.17 -10.85
N PHE A 43 -5.19 6.04 -11.72
CA PHE A 43 -6.48 6.75 -11.50
C PHE A 43 -7.32 6.71 -12.82
N THR A 44 -8.24 5.77 -12.87
CA THR A 44 -9.23 5.60 -13.95
C THR A 44 -10.74 5.65 -13.50
N ASP A 45 -11.03 5.82 -12.20
CA ASP A 45 -12.41 5.81 -11.69
C ASP A 45 -13.15 7.12 -12.03
N VAL A 46 -14.12 7.01 -12.93
CA VAL A 46 -14.86 8.18 -13.42
C VAL A 46 -15.64 8.96 -12.35
N ASP A 47 -16.20 8.26 -11.39
CA ASP A 47 -17.02 8.89 -10.38
C ASP A 47 -16.20 9.76 -9.43
N ILE A 48 -15.06 9.24 -8.99
CA ILE A 48 -14.10 10.07 -8.16
C ILE A 48 -13.56 11.25 -8.95
N PHE A 49 -13.28 11.07 -10.24
CA PHE A 49 -12.79 12.20 -11.07
C PHE A 49 -13.89 13.27 -11.17
N LYS A 50 -15.16 12.87 -11.34
CA LYS A 50 -16.24 13.87 -11.39
C LYS A 50 -16.30 14.67 -10.12
N GLU A 51 -16.10 14.04 -8.97
CA GLU A 51 -16.11 14.79 -7.69
C GLU A 51 -15.00 15.83 -7.59
N ILE A 52 -13.83 15.43 -8.02
CA ILE A 52 -12.67 16.34 -8.12
C ILE A 52 -12.95 17.54 -9.05
N VAL A 53 -13.43 17.29 -10.28
CA VAL A 53 -13.75 18.42 -11.17
C VAL A 53 -14.79 19.35 -10.55
N GLU A 54 -15.83 18.78 -9.94
CA GLU A 54 -16.85 19.64 -9.26
C GLU A 54 -16.29 20.53 -8.10
N ALA A 55 -15.42 19.96 -7.30
CA ALA A 55 -14.70 20.75 -6.28
C ALA A 55 -13.90 21.96 -6.91
N SER A 56 -13.18 21.69 -7.99
CA SER A 56 -12.43 22.70 -8.70
C SER A 56 -13.32 23.88 -9.16
N THR A 57 -14.56 23.56 -9.57
CA THR A 57 -15.48 24.59 -10.13
C THR A 57 -15.99 25.47 -9.01
N ARG A 58 -16.01 24.98 -7.78
CA ARG A 58 -16.37 25.87 -6.64
C ARG A 58 -15.23 26.62 -6.00
N GLY A 59 -14.05 26.53 -6.59
CA GLY A 59 -12.92 27.33 -6.19
C GLY A 59 -11.89 26.64 -5.30
N VAL A 60 -12.06 25.34 -5.10
CA VAL A 60 -11.04 24.54 -4.38
C VAL A 60 -9.81 24.35 -5.28
N SER A 61 -8.59 24.59 -4.76
CA SER A 61 -7.37 24.28 -5.51
C SER A 61 -7.06 22.79 -5.42
N VAL A 62 -6.75 22.18 -6.56
CA VAL A 62 -6.53 20.74 -6.61
C VAL A 62 -5.11 20.45 -7.17
N TYR A 63 -4.33 19.66 -6.43
CA TYR A 63 -2.98 19.23 -6.85
C TYR A 63 -2.95 17.70 -6.90
N ILE A 64 -2.61 17.12 -8.05
CA ILE A 64 -2.64 15.68 -8.24
C ILE A 64 -1.29 15.21 -8.71
N LEU A 65 -0.69 14.27 -7.98
CA LEU A 65 0.57 13.60 -8.28
C LEU A 65 0.32 12.14 -8.62
N LEU A 66 0.70 11.78 -9.85
CA LEU A 66 0.53 10.40 -10.43
C LEU A 66 1.83 9.73 -10.80
N ASP A 67 1.90 8.41 -10.55
CA ASP A 67 2.97 7.62 -11.00
C ASP A 67 3.18 7.80 -12.52
N GLU A 68 4.42 8.11 -12.88
CA GLU A 68 4.75 8.43 -14.25
C GLU A 68 4.42 7.25 -15.21
N SER A 69 4.86 6.06 -14.89
CA SER A 69 4.64 4.88 -15.78
C SER A 69 3.15 4.50 -16.04
N ASN A 70 2.22 4.92 -15.17
CA ASN A 70 0.79 4.71 -15.33
C ASN A 70 -0.02 5.94 -15.73
N PHE A 71 0.62 7.07 -16.09
CA PHE A 71 -0.06 8.31 -16.39
C PHE A 71 -1.00 8.16 -17.57
N ASN A 72 -0.61 7.40 -18.62
CA ASN A 72 -1.53 7.33 -19.78
C ASN A 72 -2.92 6.68 -19.49
N HIS A 73 -3.03 5.87 -18.45
CA HIS A 73 -4.36 5.33 -18.07
C HIS A 73 -5.32 6.46 -17.62
N PHE A 74 -4.80 7.40 -16.81
CA PHE A 74 -5.56 8.65 -16.45
C PHE A 74 -5.93 9.49 -17.67
N LEU A 75 -4.97 9.72 -18.53
CA LEU A 75 -5.24 10.57 -19.71
C LEU A 75 -6.30 9.95 -20.62
N ASN A 76 -6.19 8.64 -20.83
CA ASN A 76 -7.18 7.87 -21.61
C ASN A 76 -8.61 8.00 -21.03
N MET A 77 -8.76 7.97 -19.70
CA MET A 77 -10.04 8.15 -19.04
C MET A 77 -10.63 9.53 -19.20
N THR A 78 -9.81 10.57 -19.04
CA THR A 78 -10.32 11.91 -19.06
C THR A 78 -10.78 12.20 -20.54
N GLU A 79 -10.01 11.71 -21.50
CA GLU A 79 -10.38 11.91 -22.93
C GLU A 79 -11.71 11.19 -23.28
N LYS A 80 -11.91 9.97 -22.83
CA LYS A 80 -13.22 9.29 -23.05
C LYS A 80 -14.39 10.02 -22.43
N GLN A 81 -14.19 10.69 -21.31
CA GLN A 81 -15.25 11.49 -20.69
C GLN A 81 -15.51 12.84 -21.37
N GLY A 82 -14.77 13.14 -22.43
CA GLY A 82 -14.84 14.45 -23.13
C GLY A 82 -14.28 15.64 -22.36
N CYS A 83 -13.31 15.41 -21.46
CA CYS A 83 -12.71 16.49 -20.65
C CYS A 83 -11.23 16.68 -21.04
N SER A 84 -10.85 17.90 -21.46
CA SER A 84 -9.47 18.34 -21.62
C SER A 84 -9.03 18.86 -20.24
N VAL A 85 -8.45 17.97 -19.44
CA VAL A 85 -8.14 18.36 -18.04
C VAL A 85 -7.07 19.49 -17.88
N GLN A 86 -6.19 19.55 -18.85
CA GLN A 86 -5.18 20.56 -18.94
C GLN A 86 -5.72 21.98 -19.13
N ARG A 87 -7.01 22.15 -19.46
CA ARG A 87 -7.65 23.45 -19.52
C ARG A 87 -8.31 23.94 -18.20
N LEU A 88 -8.34 23.09 -17.18
CA LEU A 88 -8.94 23.46 -15.89
C LEU A 88 -7.89 24.13 -15.04
N ARG A 89 -7.95 25.45 -14.93
CA ARG A 89 -6.89 26.17 -14.24
C ARG A 89 -6.75 25.88 -12.76
N ASN A 90 -7.82 25.44 -12.08
CA ASN A 90 -7.72 25.19 -10.66
C ASN A 90 -7.20 23.77 -10.35
N ILE A 91 -6.91 22.95 -11.37
CA ILE A 91 -6.31 21.61 -11.16
C ILE A 91 -4.87 21.66 -11.77
N ARG A 92 -3.85 21.23 -11.00
CA ARG A 92 -2.54 20.93 -11.57
C ARG A 92 -2.23 19.45 -11.43
N VAL A 93 -1.91 18.78 -12.56
CA VAL A 93 -1.50 17.36 -12.57
C VAL A 93 -0.01 17.23 -12.97
N ARG A 94 0.79 16.53 -12.16
CA ARG A 94 2.22 16.35 -12.40
C ARG A 94 2.56 14.89 -12.09
N THR A 95 3.67 14.39 -12.65
CA THR A 95 4.07 13.00 -12.51
C THR A 95 5.32 12.86 -11.67
N VAL A 96 5.45 11.70 -11.03
CA VAL A 96 6.65 11.35 -10.19
C VAL A 96 7.22 10.01 -10.59
N LYS A 97 8.55 9.95 -10.83
CA LYS A 97 9.28 8.70 -11.19
C LYS A 97 9.86 8.06 -9.92
N GLY A 98 10.06 6.73 -10.00
CA GLY A 98 10.92 5.98 -9.09
C GLY A 98 12.41 6.22 -9.30
N GLN A 99 13.22 5.28 -8.86
CA GLN A 99 14.65 5.46 -8.81
C GLN A 99 15.15 5.07 -10.18
N ASP A 100 16.23 5.72 -10.58
CA ASP A 100 16.98 5.34 -11.80
C ASP A 100 17.81 4.10 -11.46
N TYR A 101 17.77 3.13 -12.35
CA TYR A 101 18.57 1.94 -12.19
C TYR A 101 18.92 1.42 -13.58
N LEU A 102 19.94 0.59 -13.62
CA LEU A 102 20.58 0.18 -14.87
C LEU A 102 20.39 -1.32 -14.94
N SER A 103 19.77 -1.82 -16.01
CA SER A 103 19.60 -3.28 -16.13
C SER A 103 20.86 -3.91 -16.68
N LYS A 104 21.00 -5.20 -16.42
CA LYS A 104 22.13 -6.04 -16.91
C LYS A 104 22.35 -6.06 -18.43
N THR A 105 21.33 -5.66 -19.20
CA THR A 105 21.57 -5.36 -20.61
C THR A 105 22.00 -3.92 -20.86
N GLY A 106 22.35 -3.17 -19.80
CA GLY A 106 22.93 -1.83 -19.95
C GLY A 106 21.95 -0.68 -19.96
N ALA A 107 20.80 -0.88 -20.60
CA ALA A 107 19.73 0.12 -20.66
C ALA A 107 19.32 0.60 -19.26
N LYS A 108 19.19 1.93 -19.13
CA LYS A 108 18.79 2.57 -17.90
C LYS A 108 17.26 2.64 -17.90
N PHE A 109 16.63 2.32 -16.74
CA PHE A 109 15.18 2.43 -16.56
C PHE A 109 14.89 3.18 -15.25
N HIS A 110 13.61 3.49 -15.02
CA HIS A 110 13.19 3.95 -13.70
C HIS A 110 12.00 3.07 -13.20
N GLY A 111 11.88 2.99 -11.89
CA GLY A 111 10.79 2.28 -11.25
C GLY A 111 9.63 3.22 -10.96
N LYS A 112 8.85 2.89 -9.91
CA LYS A 112 7.53 3.49 -9.72
C LYS A 112 7.49 4.15 -8.37
N MET A 113 6.62 5.15 -8.26
CA MET A 113 6.21 5.77 -6.96
C MET A 113 5.07 4.89 -6.38
N GLU A 114 5.37 4.08 -5.35
CA GLU A 114 4.37 3.24 -4.71
C GLU A 114 3.88 3.97 -3.43
N GLN A 115 2.96 4.90 -3.60
CA GLN A 115 2.46 5.77 -2.51
C GLN A 115 1.03 6.21 -2.93
N LYS A 116 0.12 6.23 -1.97
CA LYS A 116 -1.32 6.37 -2.21
C LYS A 116 -1.91 7.12 -0.99
N PHE A 117 -2.17 8.42 -1.14
CA PHE A 117 -2.94 9.15 -0.06
C PHE A 117 -3.68 10.37 -0.57
N LEU A 118 -4.72 10.75 0.21
CA LEU A 118 -5.61 11.89 -0.07
C LEU A 118 -5.54 12.79 1.17
N LEU A 119 -5.16 14.06 0.97
CA LEU A 119 -4.98 15.05 2.03
C LEU A 119 -5.94 16.25 1.74
N VAL A 120 -6.87 16.55 2.64
CA VAL A 120 -7.88 17.62 2.41
C VAL A 120 -7.76 18.73 3.47
N ASP A 121 -7.76 19.97 3.00
CA ASP A 121 -7.62 21.18 3.85
C ASP A 121 -6.48 21.14 4.93
N CYS A 122 -5.39 20.42 4.68
N CYS A 122 -5.38 20.44 4.64
CA CYS A 122 -4.28 20.23 5.64
CA CYS A 122 -4.27 20.08 5.61
C CYS A 122 -4.69 19.62 7.03
C CYS A 122 -4.68 19.60 7.02
N GLN A 123 -5.90 18.98 7.04
CA GLN A 123 -6.53 18.54 8.32
C GLN A 123 -7.00 17.11 8.38
N LYS A 124 -7.13 16.40 7.23
CA LYS A 124 -7.64 15.02 7.23
C LYS A 124 -6.97 14.24 6.12
N VAL A 125 -6.50 13.01 6.42
CA VAL A 125 -5.88 12.12 5.41
C VAL A 125 -6.55 10.75 5.33
N MET A 126 -6.65 10.21 4.09
CA MET A 126 -6.96 8.82 3.90
C MET A 126 -5.68 8.20 3.30
N TYR A 127 -5.13 7.20 3.98
CA TYR A 127 -3.88 6.53 3.61
C TYR A 127 -4.11 5.01 3.55
N GLY A 128 -3.66 4.34 2.48
CA GLY A 128 -3.75 2.93 2.51
C GLY A 128 -3.54 2.27 1.15
N SER A 129 -4.07 1.05 0.96
CA SER A 129 -3.78 0.21 -0.26
C SER A 129 -4.78 0.30 -1.43
N TYR A 130 -5.80 1.14 -1.30
CA TYR A 130 -6.90 1.26 -2.25
C TYR A 130 -6.47 2.19 -3.39
N SER A 131 -6.42 1.70 -4.63
CA SER A 131 -6.16 2.55 -5.82
C SER A 131 -7.50 2.89 -6.53
N TYR A 132 -7.50 4.05 -7.22
CA TYR A 132 -8.76 4.57 -7.77
C TYR A 132 -9.04 3.95 -9.16
N MET A 133 -9.39 2.67 -9.18
CA MET A 133 -9.71 1.92 -10.44
C MET A 133 -10.75 0.77 -10.15
N TRP A 134 -11.38 0.26 -11.21
N TRP A 134 -11.33 0.26 -11.25
CA TRP A 134 -12.49 -0.67 -11.06
CA TRP A 134 -12.41 -0.73 -11.21
C TRP A 134 -12.09 -1.98 -10.34
C TRP A 134 -12.07 -1.95 -10.35
N SER A 135 -10.84 -2.41 -10.49
CA SER A 135 -10.40 -3.66 -9.85
C SER A 135 -10.43 -3.59 -8.31
N PHE A 136 -10.26 -2.38 -7.76
CA PHE A 136 -10.35 -2.25 -6.27
C PHE A 136 -11.79 -2.27 -5.76
N GLU A 137 -12.77 -2.01 -6.65
CA GLU A 137 -14.19 -2.20 -6.29
C GLU A 137 -14.65 -3.66 -6.40
N LYS A 138 -14.29 -4.33 -7.52
CA LYS A 138 -14.87 -5.64 -7.86
C LYS A 138 -14.01 -6.88 -7.53
N ALA A 139 -12.71 -6.71 -7.49
CA ALA A 139 -11.81 -7.86 -7.47
C ALA A 139 -11.01 -7.99 -6.16
N HIS A 140 -10.42 -6.90 -5.64
CA HIS A 140 -9.32 -6.99 -4.66
C HIS A 140 -9.88 -6.81 -3.21
N LEU A 141 -9.10 -7.31 -2.27
CA LEU A 141 -9.25 -6.95 -0.82
C LEU A 141 -8.26 -5.78 -0.48
N SER A 142 -8.72 -4.71 0.19
CA SER A 142 -7.85 -3.59 0.47
C SER A 142 -8.29 -2.95 1.80
N MET A 143 -7.46 -2.04 2.29
CA MET A 143 -7.78 -1.33 3.60
C MET A 143 -7.24 0.11 3.53
N VAL A 144 -7.87 1.08 4.26
CA VAL A 144 -7.30 2.44 4.45
C VAL A 144 -7.41 2.85 5.93
N GLN A 145 -6.59 3.84 6.28
CA GLN A 145 -6.67 4.59 7.54
C GLN A 145 -7.32 5.96 7.28
N ILE A 146 -8.16 6.42 8.24
CA ILE A 146 -8.64 7.82 8.23
C ILE A 146 -7.95 8.49 9.44
N ILE A 147 -7.18 9.53 9.13
CA ILE A 147 -6.20 10.15 10.07
C ILE A 147 -6.53 11.61 10.31
N THR A 148 -6.64 12.02 11.58
CA THR A 148 -6.73 13.40 12.00
C THR A 148 -5.71 13.69 13.11
N GLY A 149 -5.44 14.97 13.31
CA GLY A 149 -4.46 15.39 14.38
C GLY A 149 -3.05 15.57 13.91
N GLN A 150 -2.09 15.36 14.83
CA GLN A 150 -0.66 15.78 14.55
C GLN A 150 0.01 15.08 13.34
N LEU A 151 -0.28 13.78 13.15
CA LEU A 151 0.25 13.02 12.00
C LEU A 151 -0.01 13.65 10.66
N VAL A 152 -1.09 14.41 10.52
CA VAL A 152 -1.45 15.03 9.26
C VAL A 152 -0.32 15.97 8.79
N GLU A 153 0.31 16.67 9.73
CA GLU A 153 1.48 17.53 9.40
C GLU A 153 2.58 16.77 8.65
N SER A 154 2.84 15.53 9.01
CA SER A 154 3.89 14.76 8.34
C SER A 154 3.49 14.39 6.89
N PHE A 155 2.20 14.15 6.68
CA PHE A 155 1.72 13.91 5.30
C PHE A 155 1.80 15.20 4.45
N ASP A 156 1.56 16.35 5.04
CA ASP A 156 1.69 17.69 4.35
C ASP A 156 3.15 17.90 3.91
N GLU A 157 4.09 17.65 4.85
CA GLU A 157 5.54 17.75 4.51
C GLU A 157 5.94 16.79 3.35
N GLU A 158 5.49 15.53 3.42
CA GLU A 158 5.79 14.55 2.32
C GLU A 158 5.15 14.96 0.99
N PHE A 159 3.91 15.42 1.02
CA PHE A 159 3.31 15.99 -0.20
C PHE A 159 4.18 17.11 -0.82
N ARG A 160 4.60 18.08 0.00
CA ARG A 160 5.45 19.20 -0.55
C ARG A 160 6.77 18.75 -1.16
N THR A 161 7.35 17.71 -0.54
CA THR A 161 8.60 17.09 -1.00
C THR A 161 8.40 16.34 -2.33
N LEU A 162 7.31 15.59 -2.46
CA LEU A 162 6.99 14.96 -3.78
C LEU A 162 6.64 15.98 -4.84
N TYR A 163 5.94 17.03 -4.45
CA TYR A 163 5.53 18.08 -5.39
C TYR A 163 6.83 18.76 -6.02
N ALA A 164 7.83 18.96 -5.18
CA ALA A 164 9.12 19.56 -5.64
C ALA A 164 9.84 18.62 -6.60
N ARG A 165 9.83 17.30 -6.32
CA ARG A 165 10.36 16.28 -7.22
C ARG A 165 9.65 16.17 -8.56
N SER A 166 8.33 16.35 -8.54
CA SER A 166 7.47 16.07 -9.71
C SER A 166 7.72 16.98 -10.94
N CYS A 167 7.40 16.41 -12.09
CA CYS A 167 7.46 17.03 -13.42
C CYS A 167 6.12 17.23 -14.14
N VAL A 168 6.05 18.25 -15.06
CA VAL A 168 4.90 18.36 -15.96
C VAL A 168 4.86 17.09 -16.88
N PRO A 169 3.69 16.47 -17.09
CA PRO A 169 3.65 15.26 -17.90
C PRO A 169 4.09 15.54 -19.37
N SER A 170 4.81 14.63 -20.00
CA SER A 170 5.33 14.92 -21.34
C SER A 170 4.26 15.15 -22.44
N SER A 171 3.12 14.45 -22.40
CA SER A 171 1.97 14.79 -23.27
C SER A 171 1.62 16.26 -23.17
N PHE A 172 1.57 16.78 -21.95
CA PHE A 172 1.31 18.21 -21.78
C PHE A 172 2.62 18.95 -22.07
N GLY B 4 -3.46 7.60 22.71
CA GLY B 4 -2.54 6.46 23.08
C GLY B 4 -2.20 5.54 21.88
N THR B 5 -1.96 6.13 20.71
CA THR B 5 -1.18 5.46 19.60
C THR B 5 0.04 6.34 19.16
N HIS B 6 1.26 5.76 18.99
CA HIS B 6 2.42 6.52 18.54
C HIS B 6 2.87 5.96 17.18
N ILE B 7 3.26 6.88 16.30
CA ILE B 7 3.55 6.57 14.88
C ILE B 7 4.80 7.32 14.41
N ASP B 8 5.73 6.61 13.77
CA ASP B 8 6.88 7.19 13.10
C ASP B 8 6.81 6.82 11.61
N LEU B 9 7.27 7.70 10.73
CA LEU B 9 7.32 7.39 9.30
C LEU B 9 8.74 7.07 8.89
N LEU B 10 8.92 6.05 8.05
CA LEU B 10 10.22 5.83 7.37
C LEU B 10 10.01 5.73 5.84
N PHE B 11 11.04 6.09 5.05
CA PHE B 11 10.96 6.11 3.58
C PHE B 11 12.08 5.28 2.93
N HIS B 12 11.86 4.84 1.68
CA HIS B 12 12.95 4.28 0.84
C HIS B 12 12.86 4.89 -0.55
N PRO B 13 14.00 5.52 -1.04
CA PRO B 13 15.22 5.74 -0.33
C PRO B 13 15.02 6.54 0.96
N PRO B 14 15.91 6.36 1.90
CA PRO B 14 15.74 6.91 3.22
C PRO B 14 15.89 8.43 3.24
N ARG B 15 15.22 9.07 4.17
CA ARG B 15 15.28 10.51 4.44
C ARG B 15 16.08 10.80 5.72
N ALA B 16 15.52 11.54 6.68
CA ALA B 16 16.25 11.93 7.89
C ALA B 16 16.05 10.93 9.06
N HIS B 17 16.43 9.70 8.79
CA HIS B 17 16.34 8.63 9.79
C HIS B 17 17.58 7.79 9.59
N LEU B 18 18.09 7.19 10.67
CA LEU B 18 19.38 6.46 10.57
C LEU B 18 19.34 5.12 9.85
N LEU B 19 18.24 4.37 9.99
CA LEU B 19 18.12 2.99 9.41
C LEU B 19 17.26 2.97 8.14
N THR B 20 17.58 2.09 7.22
CA THR B 20 16.71 1.80 6.10
C THR B 20 15.43 0.99 6.55
N ILE B 21 14.42 0.96 5.68
CA ILE B 21 13.20 0.13 5.92
C ILE B 21 13.64 -1.32 6.09
N LYS B 22 14.46 -1.85 5.16
CA LYS B 22 14.93 -3.26 5.25
C LYS B 22 15.70 -3.54 6.58
N GLU B 23 16.60 -2.62 6.99
CA GLU B 23 17.30 -2.78 8.29
C GLU B 23 16.33 -2.74 9.52
N THR B 24 15.28 -1.92 9.44
CA THR B 24 14.25 -1.87 10.49
C THR B 24 13.39 -3.19 10.57
N ILE B 25 13.06 -3.80 9.40
CA ILE B 25 12.35 -5.09 9.31
C ILE B 25 13.27 -6.14 10.00
N ARG B 26 14.57 -6.15 9.67
CA ARG B 26 15.46 -7.15 10.32
C ARG B 26 15.48 -6.99 11.85
N LYS B 27 15.55 -5.75 12.32
CA LYS B 27 15.54 -5.47 13.75
C LYS B 27 14.29 -5.94 14.47
N MET B 28 13.15 -5.65 13.87
CA MET B 28 11.83 -6.09 14.43
C MET B 28 11.77 -7.62 14.56
N ILE B 29 12.28 -8.35 13.59
CA ILE B 29 12.26 -9.80 13.61
C ILE B 29 13.26 -10.36 14.67
N LYS B 30 14.48 -9.76 14.75
CA LYS B 30 15.47 -10.14 15.79
C LYS B 30 15.00 -9.85 17.23
N GLU B 31 14.20 -8.80 17.38
CA GLU B 31 13.65 -8.47 18.69
C GLU B 31 12.45 -9.35 19.12
N ALA B 32 11.88 -10.15 18.23
CA ALA B 32 10.68 -10.99 18.55
C ALA B 32 11.00 -12.05 19.65
N ARG B 33 10.16 -12.09 20.68
CA ARG B 33 10.28 -13.11 21.80
C ARG B 33 9.27 -14.26 21.77
N LYS B 34 8.05 -14.04 21.21
CA LYS B 34 6.98 -15.05 21.21
C LYS B 34 6.32 -15.38 19.89
N VAL B 35 5.90 -14.34 19.17
N VAL B 35 5.92 -14.33 19.16
CA VAL B 35 5.16 -14.52 17.92
CA VAL B 35 5.16 -14.51 17.92
C VAL B 35 5.48 -13.45 16.86
C VAL B 35 5.48 -13.45 16.86
N ILE B 36 5.51 -13.90 15.60
CA ILE B 36 5.61 -13.04 14.45
C ILE B 36 4.39 -13.37 13.49
N ALA B 37 3.67 -12.34 13.06
CA ALA B 37 2.52 -12.43 12.17
C ALA B 37 2.81 -11.53 10.93
N LEU B 38 2.90 -12.09 9.75
CA LEU B 38 3.23 -11.33 8.55
C LEU B 38 2.15 -11.54 7.48
N VAL B 39 1.70 -10.43 6.88
CA VAL B 39 0.84 -10.41 5.68
C VAL B 39 1.58 -9.77 4.53
N MET B 40 1.76 -10.45 3.38
CA MET B 40 2.62 -9.84 2.37
C MET B 40 2.16 -10.31 0.99
N ASP B 41 2.28 -9.43 -0.02
CA ASP B 41 1.82 -9.79 -1.36
C ASP B 41 2.83 -10.58 -2.20
N ILE B 42 4.08 -10.17 -2.15
CA ILE B 42 5.19 -10.91 -2.81
C ILE B 42 6.40 -10.98 -1.87
N PHE B 43 7.01 -12.16 -1.70
CA PHE B 43 8.12 -12.34 -0.75
C PHE B 43 9.20 -13.20 -1.42
N THR B 44 10.18 -12.51 -1.98
CA THR B 44 11.37 -13.16 -2.58
C THR B 44 12.73 -12.70 -1.93
N ASP B 45 12.73 -11.81 -0.91
CA ASP B 45 13.99 -11.32 -0.30
C ASP B 45 14.65 -12.36 0.62
N VAL B 46 15.79 -12.89 0.19
CA VAL B 46 16.49 -13.91 0.91
C VAL B 46 16.99 -13.50 2.27
N ASP B 47 17.42 -12.26 2.45
CA ASP B 47 17.94 -11.80 3.72
C ASP B 47 16.84 -11.76 4.82
N ILE B 48 15.68 -11.24 4.45
CA ILE B 48 14.51 -11.22 5.38
C ILE B 48 14.05 -12.67 5.71
N PHE B 49 13.96 -13.53 4.70
CA PHE B 49 13.68 -14.98 4.96
C PHE B 49 14.63 -15.64 5.93
N LYS B 50 15.95 -15.40 5.78
CA LYS B 50 16.93 -15.94 6.71
C LYS B 50 16.65 -15.44 8.16
N GLU B 51 16.29 -14.17 8.35
CA GLU B 51 15.94 -13.69 9.70
C GLU B 51 14.72 -14.44 10.29
N ILE B 52 13.71 -14.71 9.45
CA ILE B 52 12.48 -15.42 9.92
C ILE B 52 12.83 -16.87 10.34
N VAL B 53 13.53 -17.60 9.48
CA VAL B 53 13.97 -18.91 9.86
C VAL B 53 14.76 -18.90 11.19
N GLU B 54 15.71 -17.99 11.36
CA GLU B 54 16.43 -17.91 12.64
C GLU B 54 15.56 -17.70 13.87
N ALA B 55 14.60 -16.81 13.74
CA ALA B 55 13.60 -16.64 14.78
C ALA B 55 12.81 -17.97 15.15
N SER B 56 12.40 -18.72 14.16
CA SER B 56 11.65 -19.94 14.36
C SER B 56 12.54 -20.97 15.13
N THR B 57 13.85 -20.96 14.84
CA THR B 57 14.81 -21.88 15.55
C THR B 57 15.02 -21.53 17.00
N ARG B 58 14.80 -20.30 17.39
CA ARG B 58 14.75 -19.80 18.78
C ARG B 58 13.49 -20.14 19.53
N GLY B 59 12.48 -20.67 18.85
CA GLY B 59 11.21 -21.00 19.48
C GLY B 59 10.07 -19.99 19.27
N VAL B 60 10.30 -19.01 18.40
CA VAL B 60 9.24 -18.06 18.04
C VAL B 60 8.24 -18.73 17.05
N SER B 61 6.93 -18.57 17.29
CA SER B 61 5.90 -19.10 16.37
C SER B 61 5.76 -18.05 15.27
N VAL B 62 5.80 -18.51 14.05
CA VAL B 62 5.74 -17.66 12.88
C VAL B 62 4.50 -18.03 12.02
N TYR B 63 3.65 -17.04 11.72
CA TYR B 63 2.47 -17.24 10.84
C TYR B 63 2.61 -16.25 9.65
N ILE B 64 2.62 -16.79 8.42
CA ILE B 64 2.83 -16.03 7.23
C ILE B 64 1.64 -16.21 6.31
N LEU B 65 0.97 -15.11 5.94
CA LEU B 65 -0.15 -15.04 4.95
C LEU B 65 0.29 -14.33 3.66
N LEU B 66 0.28 -15.05 2.53
CA LEU B 66 0.73 -14.59 1.22
C LEU B 66 -0.39 -14.52 0.21
N ASP B 67 -0.39 -13.49 -0.64
CA ASP B 67 -1.29 -13.45 -1.76
C ASP B 67 -1.19 -14.75 -2.62
N GLU B 68 -2.35 -15.30 -2.96
CA GLU B 68 -2.38 -16.57 -3.62
C GLU B 68 -1.70 -16.62 -5.04
N SER B 69 -2.00 -15.65 -5.91
N SER B 69 -2.01 -15.65 -5.91
CA SER B 69 -1.46 -15.68 -7.28
CA SER B 69 -1.48 -15.61 -7.27
C SER B 69 0.08 -15.48 -7.39
C SER B 69 0.07 -15.58 -7.34
N ASN B 70 0.70 -14.97 -6.32
CA ASN B 70 2.15 -14.80 -6.24
C ASN B 70 2.87 -15.83 -5.36
N PHE B 71 2.18 -16.83 -4.82
CA PHE B 71 2.77 -17.74 -3.85
C PHE B 71 3.96 -18.54 -4.43
N ASN B 72 3.95 -18.87 -5.73
CA ASN B 72 5.01 -19.75 -6.25
C ASN B 72 6.35 -19.00 -6.36
N HIS B 73 6.36 -17.66 -6.43
CA HIS B 73 7.60 -16.88 -6.29
C HIS B 73 8.28 -17.06 -4.95
N PHE B 74 7.53 -16.94 -3.85
CA PHE B 74 8.04 -17.35 -2.55
C PHE B 74 8.53 -18.83 -2.52
N LEU B 75 7.76 -19.81 -2.94
CA LEU B 75 8.24 -21.19 -2.81
C LEU B 75 9.54 -21.46 -3.61
N ASN B 76 9.63 -20.85 -4.77
CA ASN B 76 10.81 -21.00 -5.61
C ASN B 76 12.07 -20.42 -4.98
N MET B 77 11.96 -19.30 -4.26
CA MET B 77 13.09 -18.75 -3.54
C MET B 77 13.54 -19.65 -2.42
N THR B 78 12.58 -20.17 -1.64
CA THR B 78 12.97 -21.01 -0.52
C THR B 78 13.69 -22.30 -1.06
N GLU B 79 13.22 -22.85 -2.15
CA GLU B 79 13.87 -24.07 -2.71
C GLU B 79 15.29 -23.79 -3.25
N LYS B 80 15.49 -22.64 -3.89
CA LYS B 80 16.83 -22.24 -4.35
C LYS B 80 17.75 -21.99 -3.19
N GLN B 81 17.24 -21.56 -2.04
CA GLN B 81 18.04 -21.48 -0.83
C GLN B 81 18.41 -22.84 -0.17
N GLY B 82 17.96 -23.96 -0.75
CA GLY B 82 18.19 -25.31 -0.16
C GLY B 82 17.23 -25.65 0.97
N CYS B 83 16.18 -24.84 1.16
CA CYS B 83 15.34 -24.97 2.34
C CYS B 83 14.04 -25.66 1.92
N SER B 84 13.57 -26.57 2.76
CA SER B 84 12.24 -27.17 2.58
C SER B 84 11.30 -26.57 3.66
N VAL B 85 10.68 -25.44 3.34
CA VAL B 85 9.92 -24.65 4.33
C VAL B 85 8.73 -25.44 4.97
N GLN B 86 8.15 -26.34 4.19
CA GLN B 86 7.20 -27.40 4.68
C GLN B 86 7.63 -28.15 5.92
N ARG B 87 8.93 -28.34 6.07
CA ARG B 87 9.44 -29.14 7.20
C ARG B 87 9.63 -28.35 8.50
N LEU B 88 9.50 -27.01 8.46
CA LEU B 88 9.80 -26.19 9.62
C LEU B 88 8.53 -26.08 10.42
N ARG B 89 8.46 -26.78 11.53
CA ARG B 89 7.20 -26.88 12.26
C ARG B 89 6.74 -25.57 12.94
N ASN B 90 7.69 -24.67 13.32
CA ASN B 90 7.35 -23.47 14.03
C ASN B 90 6.89 -22.39 13.05
N ILE B 91 6.91 -22.68 11.73
CA ILE B 91 6.38 -21.70 10.73
C ILE B 91 5.14 -22.30 10.09
N ARG B 92 4.02 -21.55 10.00
CA ARG B 92 2.86 -21.98 9.13
C ARG B 92 2.66 -20.93 8.01
N VAL B 93 2.72 -21.36 6.73
CA VAL B 93 2.47 -20.56 5.57
C VAL B 93 1.14 -20.90 4.91
N ARG B 94 0.27 -19.90 4.72
CA ARG B 94 -1.07 -20.07 4.12
C ARG B 94 -1.33 -18.92 3.12
N THR B 95 -2.28 -19.15 2.19
CA THR B 95 -2.55 -18.19 1.10
C THR B 95 -3.93 -17.58 1.31
N VAL B 96 -4.05 -16.31 0.87
CA VAL B 96 -5.32 -15.57 0.80
C VAL B 96 -5.65 -15.07 -0.61
N LYS B 97 -6.91 -15.35 -1.05
CA LYS B 97 -7.49 -14.89 -2.33
C LYS B 97 -8.29 -13.60 -2.12
N GLY B 98 -8.34 -12.74 -3.15
CA GLY B 98 -9.36 -11.65 -3.20
C GLY B 98 -10.79 -12.13 -3.51
N GLN B 99 -11.63 -11.20 -4.00
CA GLN B 99 -13.01 -11.47 -4.25
C GLN B 99 -13.11 -12.36 -5.49
N ASP B 100 -14.12 -13.22 -5.55
CA ASP B 100 -14.51 -13.85 -6.86
C ASP B 100 -15.27 -12.90 -7.75
N TYR B 101 -15.03 -12.92 -9.06
CA TYR B 101 -15.72 -12.01 -9.95
C TYR B 101 -15.78 -12.61 -11.37
N LEU B 102 -16.63 -11.99 -12.20
CA LEU B 102 -16.79 -12.40 -13.63
C LEU B 102 -16.23 -11.37 -14.55
N SER B 103 -15.46 -11.80 -15.56
CA SER B 103 -14.89 -10.83 -16.48
C SER B 103 -15.92 -10.46 -17.55
N LYS B 104 -15.51 -9.50 -18.39
CA LYS B 104 -16.24 -9.07 -19.60
C LYS B 104 -16.74 -10.22 -20.46
N THR B 105 -15.99 -11.32 -20.48
CA THR B 105 -16.31 -12.48 -21.30
C THR B 105 -17.00 -13.57 -20.53
N GLY B 106 -17.38 -13.25 -19.29
CA GLY B 106 -17.95 -14.24 -18.37
C GLY B 106 -17.05 -15.25 -17.69
N ALA B 107 -15.71 -15.14 -17.76
CA ALA B 107 -14.86 -16.12 -17.07
C ALA B 107 -14.84 -15.76 -15.54
N LYS B 108 -14.62 -16.80 -14.73
CA LYS B 108 -14.52 -16.79 -13.25
C LYS B 108 -13.05 -16.62 -12.78
N PHE B 109 -12.69 -15.50 -12.18
CA PHE B 109 -11.32 -15.25 -11.66
C PHE B 109 -11.47 -14.78 -10.17
N HIS B 110 -10.33 -14.60 -9.51
CA HIS B 110 -10.32 -13.93 -8.19
C HIS B 110 -9.27 -12.86 -8.24
N GLY B 111 -9.47 -11.82 -7.42
CA GLY B 111 -8.53 -10.76 -7.33
C GLY B 111 -7.42 -11.06 -6.31
N LYS B 112 -6.78 -10.01 -5.87
CA LYS B 112 -5.59 -10.11 -5.01
C LYS B 112 -5.90 -9.60 -3.58
N MET B 113 -5.20 -10.14 -2.58
CA MET B 113 -5.07 -9.51 -1.21
C MET B 113 -4.02 -8.37 -1.30
N GLU B 114 -4.47 -7.11 -1.38
CA GLU B 114 -3.55 -5.97 -1.40
C GLU B 114 -3.40 -5.44 0.05
N GLN B 115 -2.59 -6.12 0.81
CA GLN B 115 -2.38 -5.85 2.25
C GLN B 115 -0.95 -6.27 2.58
N LYS B 116 -0.27 -5.39 3.31
CA LYS B 116 0.95 -5.75 3.92
C LYS B 116 1.33 -5.10 5.24
N PHE B 117 1.65 -5.99 6.14
CA PHE B 117 2.05 -5.58 7.48
C PHE B 117 2.75 -6.68 8.22
N LEU B 118 3.59 -6.23 9.16
CA LEU B 118 4.39 -7.12 10.07
C LEU B 118 3.96 -6.77 11.50
N LEU B 119 3.55 -7.78 12.26
CA LEU B 119 3.02 -7.61 13.62
C LEU B 119 3.84 -8.52 14.55
N VAL B 120 4.51 -7.94 15.57
CA VAL B 120 5.43 -8.69 16.44
C VAL B 120 5.02 -8.59 17.90
N ASP B 121 4.96 -9.76 18.53
CA ASP B 121 4.56 -9.91 19.97
C ASP B 121 3.29 -9.20 20.40
N CYS B 122 2.34 -9.04 19.48
N CYS B 122 2.33 -9.06 19.48
CA CYS B 122 1.10 -8.31 19.71
CA CYS B 122 1.10 -8.28 19.67
C CYS B 122 1.34 -6.89 20.27
C CYS B 122 1.34 -6.89 20.27
N GLN B 123 2.47 -6.26 19.90
CA GLN B 123 2.81 -4.93 20.44
C GLN B 123 3.40 -3.94 19.51
N LYS B 124 3.81 -4.33 18.27
CA LYS B 124 4.42 -3.38 17.38
C LYS B 124 4.10 -3.82 15.96
N VAL B 125 3.73 -2.85 15.12
CA VAL B 125 3.43 -3.09 13.71
C VAL B 125 4.22 -2.20 12.76
N MET B 126 4.67 -2.75 11.62
CA MET B 126 5.12 -1.96 10.50
C MET B 126 4.11 -2.13 9.36
N TYR B 127 3.54 -1.01 8.85
CA TYR B 127 2.43 -1.03 7.90
C TYR B 127 2.79 -0.06 6.75
N GLY B 128 2.68 -0.47 5.47
CA GLY B 128 2.82 0.49 4.45
C GLY B 128 3.00 -0.16 3.09
N SER B 129 3.72 0.52 2.21
CA SER B 129 3.80 0.14 0.75
C SER B 129 4.99 -0.66 0.29
N TYR B 130 5.89 -0.92 1.18
CA TYR B 130 7.13 -1.70 0.90
C TYR B 130 6.82 -3.23 0.83
N SER B 131 7.10 -3.87 -0.33
CA SER B 131 7.01 -5.33 -0.50
C SER B 131 8.43 -5.96 -0.42
N TYR B 132 8.47 -7.21 0.04
CA TYR B 132 9.76 -7.87 0.37
C TYR B 132 10.38 -8.51 -0.88
N MET B 133 10.83 -7.66 -1.82
CA MET B 133 11.46 -8.09 -3.07
C MET B 133 12.56 -7.03 -3.51
N TRP B 134 13.47 -7.43 -4.40
CA TRP B 134 14.59 -6.60 -4.85
C TRP B 134 14.14 -5.29 -5.47
N SER B 135 13.05 -5.31 -6.23
CA SER B 135 12.59 -4.05 -6.87
C SER B 135 12.32 -2.90 -5.82
N PHE B 136 11.82 -3.25 -4.63
CA PHE B 136 11.64 -2.27 -3.57
C PHE B 136 12.92 -1.73 -2.96
N GLU B 137 14.08 -2.41 -3.12
CA GLU B 137 15.34 -1.86 -2.69
C GLU B 137 15.95 -0.88 -3.77
N LYS B 138 15.94 -1.33 -5.04
CA LYS B 138 16.72 -0.68 -6.12
C LYS B 138 15.93 0.19 -7.08
N ALA B 139 14.61 -0.02 -7.19
CA ALA B 139 13.82 0.65 -8.23
C ALA B 139 12.70 1.60 -7.78
N HIS B 140 12.04 1.29 -6.67
CA HIS B 140 10.76 2.03 -6.31
C HIS B 140 10.98 3.00 -5.14
N LEU B 141 10.08 3.97 -5.02
CA LEU B 141 9.90 4.81 -3.83
C LEU B 141 8.76 4.22 -3.00
N SER B 142 8.95 4.12 -1.66
CA SER B 142 7.93 3.54 -0.82
C SER B 142 8.04 4.19 0.55
N MET B 143 7.08 3.88 1.40
CA MET B 143 7.05 4.40 2.76
C MET B 143 6.35 3.40 3.72
N VAL B 144 6.76 3.41 5.02
CA VAL B 144 6.06 2.65 6.09
C VAL B 144 5.85 3.49 7.33
N GLN B 145 4.86 3.06 8.12
CA GLN B 145 4.64 3.49 9.49
C GLN B 145 5.12 2.44 10.49
N ILE B 146 5.71 2.90 11.63
CA ILE B 146 6.01 2.04 12.75
C ILE B 146 5.00 2.43 13.83
N ILE B 147 4.18 1.48 14.28
CA ILE B 147 3.02 1.78 15.10
C ILE B 147 3.08 1.08 16.44
N THR B 148 2.85 1.80 17.56
CA THR B 148 2.71 1.17 18.88
C THR B 148 1.46 1.72 19.57
N GLY B 149 1.02 1.07 20.63
CA GLY B 149 -0.20 1.54 21.34
C GLY B 149 -1.49 0.89 20.89
N GLN B 150 -2.62 1.57 21.15
CA GLN B 150 -3.93 0.94 20.99
C GLN B 150 -4.25 0.44 19.57
N LEU B 151 -3.83 1.17 18.56
CA LEU B 151 -4.06 0.74 17.17
C LEU B 151 -3.54 -0.66 16.85
N VAL B 152 -2.51 -1.11 17.56
CA VAL B 152 -1.96 -2.46 17.33
C VAL B 152 -3.03 -3.57 17.53
N GLU B 153 -3.93 -3.39 18.48
CA GLU B 153 -5.07 -4.32 18.68
C GLU B 153 -5.96 -4.48 17.45
N SER B 154 -6.18 -3.41 16.73
CA SER B 154 -6.96 -3.49 15.47
C SER B 154 -6.27 -4.28 14.38
N PHE B 155 -4.94 -4.17 14.29
CA PHE B 155 -4.14 -5.07 13.37
C PHE B 155 -4.16 -6.56 13.79
N ASP B 156 -4.09 -6.82 15.09
CA ASP B 156 -4.25 -8.18 15.64
C ASP B 156 -5.60 -8.81 15.26
N GLU B 157 -6.71 -8.05 15.45
CA GLU B 157 -8.04 -8.53 15.04
C GLU B 157 -8.06 -8.78 13.51
N GLU B 158 -7.52 -7.85 12.68
CA GLU B 158 -7.50 -8.08 11.21
C GLU B 158 -6.67 -9.30 10.83
N PHE B 159 -5.56 -9.54 11.52
CA PHE B 159 -4.71 -10.74 11.22
C PHE B 159 -5.54 -12.03 11.48
N ARG B 160 -6.19 -12.09 12.66
CA ARG B 160 -7.04 -13.26 12.95
C ARG B 160 -8.15 -13.54 11.94
N THR B 161 -8.75 -12.47 11.41
CA THR B 161 -9.83 -12.59 10.42
C THR B 161 -9.23 -13.13 9.14
N LEU B 162 -8.10 -12.59 8.72
CA LEU B 162 -7.43 -13.11 7.48
C LEU B 162 -6.94 -14.53 7.64
N TYR B 163 -6.44 -14.89 8.84
CA TYR B 163 -5.96 -16.29 9.08
C TYR B 163 -7.15 -17.30 8.92
N ALA B 164 -8.32 -16.92 9.43
CA ALA B 164 -9.55 -17.71 9.34
C ALA B 164 -9.95 -17.91 7.85
N ARG B 165 -9.79 -16.85 7.02
CA ARG B 165 -10.06 -16.93 5.59
C ARG B 165 -9.09 -17.74 4.79
N SER B 166 -7.85 -17.72 5.22
CA SER B 166 -6.77 -18.34 4.45
C SER B 166 -6.84 -19.86 4.30
N CYS B 167 -6.14 -20.36 3.24
CA CYS B 167 -6.08 -21.76 2.84
C CYS B 167 -4.64 -22.34 2.90
N VAL B 168 -4.54 -23.68 3.06
CA VAL B 168 -3.26 -24.36 2.81
C VAL B 168 -2.89 -24.16 1.32
N PRO B 169 -1.64 -23.79 1.00
CA PRO B 169 -1.29 -23.57 -0.41
C PRO B 169 -1.48 -24.79 -1.30
N SER B 170 -2.06 -24.60 -2.48
CA SER B 170 -2.30 -25.73 -3.41
C SER B 170 -0.98 -26.43 -3.87
N SER B 171 0.12 -25.67 -4.07
CA SER B 171 1.43 -26.24 -4.36
C SER B 171 1.96 -27.20 -3.30
N PHE B 172 1.48 -27.10 -2.06
CA PHE B 172 1.80 -28.08 -1.02
C PHE B 172 0.90 -29.30 -1.14
#